data_5RZ5
#
_entry.id   5RZ5
#
_cell.length_a   38.390
_cell.length_b   77.490
_cell.length_c   99.850
_cell.angle_alpha   90.000
_cell.angle_beta   90.000
_cell.angle_gamma   90.000
#
_symmetry.space_group_name_H-M   'P 21 21 21'
#
loop_
_entity.id
_entity.type
_entity.pdbx_description
1 polymer 'Isoform 2 of Band 4.1-like protein 3'
2 non-polymer 4-({[(4-fluorophenyl)methyl]amino}methyl)benzonitrile
3 non-polymer 'DIMETHYL SULFOXIDE'
4 non-polymer 1,2-ETHANEDIOL
5 water water
#
_entity_poly.entity_id   1
_entity_poly.type   'polypeptide(L)'
_entity_poly.pdbx_seq_one_letter_code
;SMPKSMQCKVILLDGSEYTCDVEKRSRGQVLFDKVCEHLNLLEKDYFGLTYRDAENQKNWLDPAKEIKKQVRSGAWHFSF
NVKFYPPDPAQLSEDITRYYLCLQLRDDIVSGRLPCSFVTLALLGSYTVQSELGDYDPDECGSDYISEFRFAPNHTKELE
DKVIELHKSHRGMTPAEAEMHFLENAKKLSMYGVDLHHAKDSEGVEIMLGVCASGLLIYRDRLRINRFAWPKVLKISYKR
NNFYIKIRPGEFEQFESTIGFKLPNHRAAKRLWKVCVEHHTFFRLL
;
_entity_poly.pdbx_strand_id   A
#
loop_
_chem_comp.id
_chem_comp.type
_chem_comp.name
_chem_comp.formula
DMS non-polymer 'DIMETHYL SULFOXIDE' 'C2 H6 O S'
EDO non-polymer 1,2-ETHANEDIOL 'C2 H6 O2'
WHD non-polymer 4-({[(4-fluorophenyl)methyl]amino}methyl)benzonitrile 'C15 H13 F N2'
#
# COMPACT_ATOMS: atom_id res chain seq x y z
N PRO A 3 31.77 15.08 10.14
CA PRO A 3 30.30 15.09 9.97
C PRO A 3 29.64 13.78 10.46
N LYS A 4 28.72 13.85 11.41
CA LYS A 4 28.25 12.64 12.12
C LYS A 4 27.11 11.96 11.37
N SER A 5 27.23 10.64 11.20
N SER A 5 27.29 10.67 11.12
CA SER A 5 26.34 9.82 10.36
CA SER A 5 26.34 9.82 10.36
C SER A 5 25.64 8.74 11.19
C SER A 5 25.52 8.97 11.34
N MET A 6 24.37 8.48 10.87
CA MET A 6 23.53 7.52 11.63
C MET A 6 23.31 6.32 10.71
N GLN A 7 23.38 5.14 11.26
CA GLN A 7 23.12 3.90 10.51
C GLN A 7 21.61 3.78 10.29
N CYS A 8 21.21 3.52 9.06
CA CYS A 8 19.79 3.26 8.75
C CYS A 8 19.60 1.83 8.30
N LYS A 9 18.53 1.18 8.76
CA LYS A 9 18.21 -0.16 8.25
C LYS A 9 16.81 -0.09 7.62
N VAL A 10 16.68 -0.68 6.43
CA VAL A 10 15.44 -0.62 5.63
C VAL A 10 15.05 -2.02 5.23
N ILE A 11 13.86 -2.43 5.63
CA ILE A 11 13.29 -3.74 5.16
C ILE A 11 12.73 -3.52 3.76
N LEU A 12 13.26 -4.25 2.79
CA LEU A 12 12.86 -4.13 1.37
C LEU A 12 11.69 -5.07 1.13
N LEU A 13 11.04 -4.92 -0.01
CA LEU A 13 9.76 -5.62 -0.25
C LEU A 13 9.99 -7.12 -0.49
N ASP A 14 11.23 -7.53 -0.83
CA ASP A 14 11.58 -8.98 -0.95
C ASP A 14 11.99 -9.54 0.42
N GLY A 15 11.84 -8.76 1.50
CA GLY A 15 12.11 -9.19 2.90
C GLY A 15 13.56 -9.02 3.30
N SER A 16 14.43 -8.66 2.38
CA SER A 16 15.87 -8.39 2.66
C SER A 16 16.07 -7.04 3.38
N GLU A 17 17.25 -6.87 4.00
CA GLU A 17 17.72 -5.66 4.71
C GLU A 17 18.67 -4.85 3.80
N TYR A 18 18.42 -3.56 3.67
CA TYR A 18 19.40 -2.59 3.12
C TYR A 18 19.88 -1.72 4.28
N THR A 19 21.20 -1.61 4.43
CA THR A 19 21.85 -0.79 5.47
C THR A 19 22.64 0.29 4.78
N CYS A 20 22.55 1.51 5.29
CA CYS A 20 23.35 2.66 4.84
C CYS A 20 23.49 3.65 5.99
N ASP A 21 24.33 4.65 5.76
CA ASP A 21 24.57 5.73 6.73
C ASP A 21 24.11 7.01 6.05
N VAL A 22 23.45 7.88 6.78
CA VAL A 22 23.20 9.28 6.35
C VAL A 22 23.65 10.25 7.43
N GLU A 23 23.94 11.49 7.07
CA GLU A 23 24.27 12.54 8.06
C GLU A 23 23.09 12.69 9.04
N LYS A 24 23.35 12.89 10.34
CA LYS A 24 22.29 12.81 11.37
C LYS A 24 21.20 13.89 11.19
N ARG A 25 21.47 15.02 10.50
CA ARG A 25 20.48 16.11 10.25
C ARG A 25 19.81 15.93 8.87
N SER A 26 20.03 14.77 8.25
CA SER A 26 19.49 14.45 6.90
C SER A 26 17.96 14.51 6.88
N ARG A 27 17.43 15.03 5.78
CA ARG A 27 16.00 14.99 5.44
C ARG A 27 15.67 13.59 4.92
N GLY A 28 14.39 13.19 5.00
CA GLY A 28 14.01 11.83 4.57
C GLY A 28 14.42 11.52 3.13
N GLN A 29 14.36 12.51 2.26
CA GLN A 29 14.65 12.34 0.82
C GLN A 29 16.03 11.73 0.64
N VAL A 30 17.00 12.10 1.50
CA VAL A 30 18.40 11.61 1.38
C VAL A 30 18.40 10.08 1.44
N LEU A 31 17.73 9.52 2.45
CA LEU A 31 17.66 8.06 2.64
C LEU A 31 16.84 7.43 1.53
N PHE A 32 15.71 8.01 1.23
CA PHE A 32 14.83 7.47 0.15
C PHE A 32 15.61 7.40 -1.17
N ASP A 33 16.38 8.43 -1.54
CA ASP A 33 17.18 8.43 -2.79
C ASP A 33 18.17 7.26 -2.75
N LYS A 34 18.86 7.00 -1.63
CA LYS A 34 19.83 5.88 -1.52
C LYS A 34 19.11 4.54 -1.71
N VAL A 35 17.96 4.37 -1.09
CA VAL A 35 17.20 3.09 -1.20
C VAL A 35 16.75 2.89 -2.64
N CYS A 36 16.19 3.93 -3.27
CA CYS A 36 15.71 3.81 -4.66
C CYS A 36 16.86 3.53 -5.63
N GLU A 37 18.02 4.15 -5.42
CA GLU A 37 19.20 3.82 -6.26
C GLU A 37 19.58 2.35 -6.06
N HIS A 38 19.63 1.85 -4.82
CA HIS A 38 19.85 0.40 -4.52
C HIS A 38 18.88 -0.48 -5.32
N LEU A 39 17.61 -0.06 -5.44
CA LEU A 39 16.55 -0.89 -6.08
C LEU A 39 16.52 -0.66 -7.60
N ASN A 40 17.35 0.22 -8.15
CA ASN A 40 17.31 0.63 -9.59
C ASN A 40 15.92 1.15 -9.97
N LEU A 41 15.31 1.95 -9.10
CA LEU A 41 13.91 2.41 -9.25
C LEU A 41 13.95 3.87 -9.67
N LEU A 42 13.36 4.16 -10.84
CA LEU A 42 13.25 5.53 -11.38
C LEU A 42 11.89 6.14 -11.10
N GLU A 43 10.82 5.34 -11.17
CA GLU A 43 9.44 5.81 -10.92
C GLU A 43 9.19 5.83 -9.43
N LYS A 44 9.90 6.72 -8.73
CA LYS A 44 9.99 6.72 -7.26
C LYS A 44 8.72 7.31 -6.62
N ASP A 45 7.93 8.08 -7.36
CA ASP A 45 6.88 8.91 -6.75
C ASP A 45 5.78 8.04 -6.14
N TYR A 46 5.60 6.78 -6.54
CA TYR A 46 4.55 5.88 -5.98
C TYR A 46 4.94 5.33 -4.60
N PHE A 47 6.19 5.51 -4.16
CA PHE A 47 6.78 4.75 -3.03
C PHE A 47 7.15 5.71 -1.91
N GLY A 48 7.48 5.12 -0.77
CA GLY A 48 7.95 5.87 0.40
C GLY A 48 8.52 4.92 1.42
N LEU A 49 9.05 5.52 2.48
CA LEU A 49 9.52 4.73 3.63
C LEU A 49 8.56 4.93 4.78
N THR A 50 8.34 3.86 5.54
CA THR A 50 7.56 3.93 6.77
C THR A 50 8.52 3.66 7.92
N TYR A 51 8.12 4.11 9.10
CA TYR A 51 8.72 3.71 10.39
C TYR A 51 7.57 3.50 11.40
N ARG A 52 7.90 2.91 12.54
CA ARG A 52 6.97 2.62 13.66
C ARG A 52 7.26 3.62 14.80
N ASP A 53 6.23 4.31 15.29
CA ASP A 53 6.35 5.44 16.28
C ASP A 53 6.35 4.90 17.69
N ALA A 54 6.39 5.82 18.68
CA ALA A 54 6.43 5.51 20.12
C ALA A 54 5.16 4.75 20.52
N GLU A 55 4.09 4.89 19.73
CA GLU A 55 2.81 4.16 19.93
C GLU A 55 2.75 2.89 19.06
N ASN A 56 3.84 2.56 18.32
CA ASN A 56 3.94 1.42 17.36
C ASN A 56 2.99 1.55 16.15
N GLN A 57 2.65 2.77 15.76
CA GLN A 57 1.77 2.99 14.58
C GLN A 57 2.72 3.19 13.39
N LYS A 58 2.32 2.70 12.24
CA LYS A 58 3.01 2.92 10.94
C LYS A 58 2.88 4.40 10.61
N ASN A 59 3.98 5.06 10.32
CA ASN A 59 4.03 6.45 9.88
C ASN A 59 4.85 6.53 8.59
N TRP A 60 4.42 7.37 7.66
CA TRP A 60 5.24 7.69 6.49
C TRP A 60 6.37 8.63 6.92
N LEU A 61 7.58 8.33 6.50
CA LEU A 61 8.69 9.27 6.67
C LEU A 61 8.51 10.40 5.65
N ASP A 62 8.37 11.64 6.15
CA ASP A 62 8.20 12.82 5.27
C ASP A 62 9.54 13.18 4.67
N PRO A 63 9.71 13.08 3.34
CA PRO A 63 11.03 13.26 2.72
C PRO A 63 11.54 14.69 2.84
N ALA A 64 10.63 15.62 3.07
CA ALA A 64 10.95 17.05 3.18
C ALA A 64 11.32 17.44 4.61
N LYS A 65 11.24 16.53 5.59
CA LYS A 65 11.50 16.84 7.01
C LYS A 65 12.71 16.05 7.51
N GLU A 66 13.40 16.60 8.49
CA GLU A 66 14.55 15.89 9.10
C GLU A 66 14.12 14.50 9.60
N ILE A 67 14.93 13.50 9.35
CA ILE A 67 14.65 12.11 9.81
C ILE A 67 14.56 12.12 11.33
N LYS A 68 15.52 12.79 11.97
CA LYS A 68 15.63 12.72 13.46
C LYS A 68 14.38 13.28 14.13
N LYS A 69 13.74 14.28 13.52
CA LYS A 69 12.53 14.95 14.07
C LYS A 69 11.30 14.04 13.92
N GLN A 70 11.41 12.98 13.12
CA GLN A 70 10.27 12.05 12.86
C GLN A 70 10.45 10.83 13.74
N VAL A 71 11.60 10.15 13.67
CA VAL A 71 11.81 8.88 14.42
C VAL A 71 11.98 9.21 15.90
N ARG A 72 12.43 10.42 16.18
CA ARG A 72 12.52 11.02 17.54
C ARG A 72 13.34 10.10 18.42
N SER A 73 12.69 9.37 19.33
CA SER A 73 13.36 8.54 20.36
C SER A 73 13.59 7.12 19.84
N GLY A 74 12.99 6.77 18.69
CA GLY A 74 13.05 5.40 18.15
C GLY A 74 14.28 5.11 17.31
N ALA A 75 14.40 3.86 16.88
CA ALA A 75 15.50 3.37 16.04
C ALA A 75 15.32 3.90 14.62
N TRP A 76 16.43 4.07 13.93
CA TRP A 76 16.42 4.44 12.49
C TRP A 76 16.23 3.16 11.65
N HIS A 77 15.03 2.60 11.80
CA HIS A 77 14.58 1.37 11.16
C HIS A 77 13.30 1.69 10.37
N PHE A 78 13.30 1.25 9.13
CA PHE A 78 12.26 1.68 8.16
C PHE A 78 11.84 0.49 7.31
N SER A 79 10.71 0.64 6.62
CA SER A 79 10.32 -0.30 5.53
C SER A 79 10.12 0.51 4.27
N PHE A 80 10.46 -0.09 3.14
CA PHE A 80 10.18 0.46 1.80
C PHE A 80 8.82 -0.06 1.33
N ASN A 81 7.91 0.84 0.98
CA ASN A 81 6.52 0.48 0.70
C ASN A 81 5.97 1.29 -0.47
N VAL A 82 4.89 0.78 -1.04
CA VAL A 82 4.05 1.55 -2.00
C VAL A 82 3.22 2.53 -1.16
N LYS A 83 3.28 3.80 -1.50
CA LYS A 83 2.48 4.86 -0.86
C LYS A 83 1.21 5.16 -1.68
N PHE A 84 1.38 5.33 -2.97
CA PHE A 84 0.25 5.65 -3.89
C PHE A 84 0.06 4.51 -4.87
N TYR A 85 -1.02 3.73 -4.72
CA TYR A 85 -1.22 2.56 -5.60
C TYR A 85 -1.82 3.05 -6.90
N PRO A 86 -1.13 2.88 -8.05
CA PRO A 86 -1.67 3.39 -9.32
C PRO A 86 -2.93 2.65 -9.71
N PRO A 87 -4.04 3.33 -10.09
CA PRO A 87 -5.25 2.65 -10.49
C PRO A 87 -5.09 1.88 -11.80
N ASP A 88 -4.15 2.26 -12.64
CA ASP A 88 -3.90 1.51 -13.90
C ASP A 88 -2.41 1.27 -14.03
N PRO A 89 -1.92 0.18 -13.40
CA PRO A 89 -0.50 -0.15 -13.45
C PRO A 89 0.11 -0.32 -14.85
N ALA A 90 -0.68 -0.57 -15.89
CA ALA A 90 -0.17 -0.65 -17.27
C ALA A 90 0.37 0.70 -17.72
N GLN A 91 -0.02 1.77 -17.05
CA GLN A 91 0.43 3.12 -17.48
C GLN A 91 1.77 3.46 -16.85
N LEU A 92 2.30 2.64 -15.93
CA LEU A 92 3.70 2.86 -15.48
C LEU A 92 4.68 2.63 -16.64
N SER A 93 5.75 3.43 -16.66
CA SER A 93 6.78 3.40 -17.73
C SER A 93 7.61 2.12 -17.65
N GLU A 94 7.96 1.66 -16.45
CA GLU A 94 8.98 0.59 -16.31
C GLU A 94 8.42 -0.67 -15.67
N ASP A 95 8.88 -1.80 -16.21
CA ASP A 95 8.56 -3.12 -15.66
C ASP A 95 9.05 -3.18 -14.21
N ILE A 96 10.18 -2.60 -13.87
CA ILE A 96 10.73 -2.83 -12.51
C ILE A 96 9.81 -2.15 -11.50
N THR A 97 9.11 -1.10 -11.93
CA THR A 97 8.15 -0.40 -11.05
C THR A 97 7.00 -1.36 -10.78
N ARG A 98 6.51 -2.00 -11.85
CA ARG A 98 5.40 -2.98 -11.67
C ARG A 98 5.85 -4.12 -10.77
N TYR A 99 7.11 -4.53 -10.87
CA TYR A 99 7.67 -5.64 -10.06
C TYR A 99 7.55 -5.28 -8.58
N TYR A 100 8.02 -4.11 -8.19
CA TYR A 100 7.95 -3.68 -6.77
C TYR A 100 6.50 -3.56 -6.34
N LEU A 101 5.62 -3.05 -7.24
CA LEU A 101 4.18 -2.97 -6.88
C LEU A 101 3.63 -4.38 -6.64
N CYS A 102 4.01 -5.37 -7.47
CA CYS A 102 3.66 -6.79 -7.25
C CYS A 102 4.17 -7.24 -5.86
N LEU A 103 5.43 -6.96 -5.54
CA LEU A 103 5.93 -7.43 -4.23
C LEU A 103 5.07 -6.85 -3.11
N GLN A 104 4.72 -5.56 -3.18
CA GLN A 104 3.90 -4.94 -2.11
C GLN A 104 2.56 -5.67 -2.00
N LEU A 105 1.90 -5.86 -3.16
CA LEU A 105 0.58 -6.49 -3.19
C LEU A 105 0.65 -7.91 -2.67
N ARG A 106 1.71 -8.64 -2.95
CA ARG A 106 1.82 -10.02 -2.40
C ARG A 106 1.77 -9.91 -0.88
N ASP A 107 2.45 -8.92 -0.29
CA ASP A 107 2.44 -8.78 1.20
C ASP A 107 1.09 -8.29 1.69
N ASP A 108 0.43 -7.41 0.96
CA ASP A 108 -0.93 -6.97 1.28
C ASP A 108 -1.85 -8.19 1.33
N ILE A 109 -1.69 -9.13 0.42
CA ILE A 109 -2.55 -10.33 0.39
C ILE A 109 -2.20 -11.23 1.58
N VAL A 110 -0.94 -11.61 1.74
CA VAL A 110 -0.54 -12.62 2.78
C VAL A 110 -0.94 -12.06 4.15
N SER A 111 -0.79 -10.76 4.34
CA SER A 111 -1.08 -10.05 5.61
C SER A 111 -2.58 -10.01 5.88
N GLY A 112 -3.42 -10.24 4.87
CA GLY A 112 -4.88 -10.08 4.93
C GLY A 112 -5.36 -8.64 4.83
N ARG A 113 -4.51 -7.64 4.55
CA ARG A 113 -4.96 -6.25 4.32
C ARG A 113 -5.75 -6.17 3.01
N LEU A 114 -5.46 -7.06 2.08
CA LEU A 114 -6.15 -7.05 0.76
C LEU A 114 -6.95 -8.34 0.63
N PRO A 115 -8.24 -8.36 1.03
CA PRO A 115 -9.03 -9.57 0.94
C PRO A 115 -9.18 -9.95 -0.52
N CYS A 116 -9.35 -11.24 -0.76
N CYS A 116 -9.09 -11.25 -0.79
CA CYS A 116 -9.28 -11.85 -2.09
CA CYS A 116 -9.25 -11.89 -2.12
C CYS A 116 -9.99 -13.19 -2.09
C CYS A 116 -10.17 -13.10 -1.99
N SER A 117 -10.85 -13.45 -3.08
CA SER A 117 -11.49 -14.76 -3.27
C SER A 117 -10.44 -15.85 -3.44
N PHE A 118 -10.82 -17.08 -3.16
CA PHE A 118 -10.03 -18.29 -3.46
C PHE A 118 -9.48 -18.23 -4.88
N VAL A 119 -10.35 -18.04 -5.87
CA VAL A 119 -9.92 -18.11 -7.27
C VAL A 119 -8.93 -17.00 -7.58
N THR A 120 -9.14 -15.79 -7.06
CA THR A 120 -8.19 -14.70 -7.35
C THR A 120 -6.87 -14.96 -6.61
N LEU A 121 -6.91 -15.47 -5.39
CA LEU A 121 -5.67 -15.88 -4.68
C LEU A 121 -4.86 -16.85 -5.57
N ALA A 122 -5.53 -17.86 -6.13
CA ALA A 122 -4.89 -18.89 -6.99
C ALA A 122 -4.36 -18.27 -8.29
N LEU A 123 -5.12 -17.35 -8.88
CA LEU A 123 -4.72 -16.73 -10.15
C LEU A 123 -3.51 -15.83 -9.88
N LEU A 124 -3.57 -15.01 -8.85
CA LEU A 124 -2.41 -14.16 -8.51
C LEU A 124 -1.19 -15.03 -8.20
N GLY A 125 -1.34 -16.07 -7.39
CA GLY A 125 -0.23 -16.98 -7.09
C GLY A 125 0.35 -17.59 -8.38
N SER A 126 -0.52 -18.01 -9.30
CA SER A 126 -0.07 -18.64 -10.56
C SER A 126 0.79 -17.68 -11.40
N TYR A 127 0.50 -16.37 -11.42
CA TYR A 127 1.30 -15.41 -12.18
C TYR A 127 2.65 -15.19 -11.49
N THR A 128 2.63 -15.09 -10.18
CA THR A 128 3.90 -14.97 -9.40
C THR A 128 4.83 -16.16 -9.70
N VAL A 129 4.32 -17.37 -9.63
CA VAL A 129 5.13 -18.60 -9.91
C VAL A 129 5.64 -18.49 -11.34
N GLN A 130 4.77 -18.18 -12.28
CA GLN A 130 5.20 -18.10 -13.69
C GLN A 130 6.33 -17.07 -13.87
N SER A 131 6.19 -15.89 -13.27
N SER A 131 6.20 -15.90 -13.23
CA SER A 131 7.23 -14.83 -13.37
CA SER A 131 7.18 -14.78 -13.34
C SER A 131 8.56 -15.35 -12.82
C SER A 131 8.54 -15.21 -12.74
N GLU A 132 8.53 -15.95 -11.64
CA GLU A 132 9.78 -16.29 -10.89
C GLU A 132 10.40 -17.62 -11.32
N LEU A 133 9.61 -18.63 -11.66
CA LEU A 133 10.15 -19.98 -12.00
C LEU A 133 10.10 -20.22 -13.50
N GLY A 134 9.29 -19.45 -14.23
CA GLY A 134 9.02 -19.76 -15.64
C GLY A 134 8.01 -20.89 -15.79
N ASP A 135 8.10 -21.61 -16.91
CA ASP A 135 7.05 -22.58 -17.30
C ASP A 135 6.90 -23.69 -16.26
N TYR A 136 5.67 -24.17 -16.10
CA TYR A 136 5.33 -25.26 -15.17
C TYR A 136 6.23 -26.47 -15.47
N ASP A 137 6.72 -27.11 -14.40
CA ASP A 137 7.54 -28.35 -14.47
C ASP A 137 6.92 -29.39 -13.54
N PRO A 138 6.42 -30.53 -14.07
CA PRO A 138 5.86 -31.57 -13.20
C PRO A 138 6.89 -32.20 -12.25
N ASP A 139 8.19 -32.07 -12.59
CA ASP A 139 9.34 -32.68 -11.87
C ASP A 139 9.52 -31.99 -10.52
N GLU A 140 9.03 -30.76 -10.40
CA GLU A 140 9.17 -29.90 -9.18
C GLU A 140 7.98 -30.10 -8.25
N CYS A 141 6.91 -30.77 -8.71
CA CYS A 141 5.60 -30.85 -8.01
C CYS A 141 4.92 -32.20 -8.24
N GLY A 142 4.76 -32.98 -7.17
CA GLY A 142 3.93 -34.20 -7.14
C GLY A 142 2.50 -33.86 -6.75
N SER A 143 1.66 -34.88 -6.54
CA SER A 143 0.24 -34.73 -6.13
C SER A 143 0.18 -34.05 -4.75
N ASP A 144 1.31 -33.98 -4.05
CA ASP A 144 1.42 -33.50 -2.65
C ASP A 144 2.24 -32.21 -2.57
N TYR A 145 2.32 -31.44 -3.66
CA TYR A 145 3.18 -30.23 -3.73
C TYR A 145 2.64 -29.08 -2.86
N ILE A 146 3.52 -28.50 -2.05
CA ILE A 146 3.31 -27.20 -1.32
C ILE A 146 4.47 -26.24 -1.69
N SER A 147 4.13 -25.14 -2.37
CA SER A 147 5.10 -24.11 -2.80
C SER A 147 5.70 -23.41 -1.59
N GLU A 148 6.92 -22.90 -1.74
CA GLU A 148 7.60 -22.04 -0.73
C GLU A 148 6.94 -20.66 -0.72
N PHE A 149 6.34 -20.28 -1.86
CA PHE A 149 5.64 -19.00 -2.06
C PHE A 149 4.44 -19.02 -1.10
N ARG A 150 4.36 -17.91 -0.39
CA ARG A 150 3.24 -17.43 0.42
C ARG A 150 2.30 -16.70 -0.54
N PHE A 151 1.08 -17.19 -0.61
CA PHE A 151 0.00 -16.77 -1.51
C PHE A 151 -1.17 -16.16 -0.77
N ALA A 152 -1.36 -16.40 0.52
CA ALA A 152 -2.65 -16.11 1.16
C ALA A 152 -2.47 -16.03 2.65
N PRO A 153 -3.43 -15.42 3.35
CA PRO A 153 -3.36 -15.35 4.79
C PRO A 153 -3.60 -16.74 5.38
N ASN A 154 -4.31 -17.63 4.66
CA ASN A 154 -4.51 -19.03 5.17
C ASN A 154 -4.38 -20.00 4.00
N HIS A 155 -3.28 -20.76 4.00
CA HIS A 155 -2.96 -21.71 2.93
C HIS A 155 -3.73 -23.01 3.14
N THR A 156 -4.26 -23.53 2.05
CA THR A 156 -4.86 -24.89 2.01
C THR A 156 -4.24 -25.67 0.87
N LYS A 157 -4.35 -26.99 0.97
CA LYS A 157 -3.90 -27.87 -0.12
C LYS A 157 -4.67 -27.57 -1.41
N GLU A 158 -5.97 -27.31 -1.29
CA GLU A 158 -6.85 -26.99 -2.44
C GLU A 158 -6.31 -25.73 -3.15
N LEU A 159 -5.84 -24.74 -2.39
CA LEU A 159 -5.32 -23.49 -2.99
C LEU A 159 -4.01 -23.82 -3.73
N GLU A 160 -3.14 -24.61 -3.12
CA GLU A 160 -1.87 -25.01 -3.77
C GLU A 160 -2.15 -25.71 -5.09
N ASP A 161 -3.13 -26.62 -5.09
CA ASP A 161 -3.49 -27.38 -6.31
C ASP A 161 -3.97 -26.40 -7.40
N LYS A 162 -4.77 -25.41 -7.01
CA LYS A 162 -5.37 -24.48 -7.99
C LYS A 162 -4.26 -23.60 -8.57
N VAL A 163 -3.31 -23.14 -7.75
CA VAL A 163 -2.14 -22.39 -8.27
C VAL A 163 -1.46 -23.23 -9.36
N ILE A 164 -1.23 -24.52 -9.11
CA ILE A 164 -0.51 -25.37 -10.09
C ILE A 164 -1.35 -25.48 -11.36
N GLU A 165 -2.66 -25.72 -11.21
CA GLU A 165 -3.54 -25.90 -12.39
C GLU A 165 -3.46 -24.66 -13.29
N LEU A 166 -3.51 -23.47 -12.71
CA LEU A 166 -3.48 -22.22 -13.49
C LEU A 166 -2.07 -21.99 -14.01
N HIS A 167 -1.06 -22.37 -13.25
CA HIS A 167 0.35 -22.17 -13.68
C HIS A 167 0.58 -22.97 -14.97
N LYS A 168 -0.02 -24.15 -15.05
CA LYS A 168 0.12 -24.99 -16.26
C LYS A 168 -0.35 -24.20 -17.48
N SER A 169 -1.38 -23.35 -17.32
CA SER A 169 -2.05 -22.63 -18.44
C SER A 169 -1.20 -21.44 -18.90
N HIS A 170 -0.14 -21.05 -18.17
CA HIS A 170 0.67 -19.84 -18.50
C HIS A 170 1.95 -20.19 -19.27
N ARG A 171 2.05 -21.36 -19.88
CA ARG A 171 3.31 -21.73 -20.60
C ARG A 171 3.67 -20.67 -21.65
N GLY A 172 4.94 -20.23 -21.64
CA GLY A 172 5.51 -19.29 -22.62
C GLY A 172 5.41 -17.85 -22.13
N MET A 173 4.78 -17.64 -20.97
CA MET A 173 4.60 -16.25 -20.45
C MET A 173 5.91 -15.77 -19.84
N THR A 174 6.30 -14.54 -20.17
CA THR A 174 7.53 -13.93 -19.68
C THR A 174 7.22 -13.17 -18.38
N PRO A 175 8.27 -12.84 -17.62
CA PRO A 175 8.10 -12.28 -16.28
C PRO A 175 7.32 -10.98 -16.26
N ALA A 176 7.66 -10.01 -17.11
CA ALA A 176 6.94 -8.73 -17.18
C ALA A 176 5.49 -9.00 -17.57
N GLU A 177 5.28 -9.90 -18.53
CA GLU A 177 3.91 -10.27 -18.98
C GLU A 177 3.09 -10.83 -17.79
N ALA A 178 3.68 -11.73 -17.01
CA ALA A 178 3.01 -12.40 -15.88
C ALA A 178 2.70 -11.33 -14.81
N GLU A 179 3.67 -10.47 -14.50
CA GLU A 179 3.49 -9.39 -13.49
C GLU A 179 2.37 -8.44 -13.97
N MET A 180 2.30 -8.12 -15.25
CA MET A 180 1.19 -7.26 -15.76
C MET A 180 -0.14 -7.95 -15.55
N HIS A 181 -0.25 -9.26 -15.83
CA HIS A 181 -1.50 -10.00 -15.55
C HIS A 181 -1.81 -9.99 -14.04
N PHE A 182 -0.79 -10.17 -13.21
CA PHE A 182 -1.00 -10.14 -11.75
C PHE A 182 -1.73 -8.83 -11.43
N LEU A 183 -1.18 -7.72 -11.93
CA LEU A 183 -1.64 -6.39 -11.58
C LEU A 183 -3.03 -6.11 -12.20
N GLU A 184 -3.30 -6.60 -13.40
CA GLU A 184 -4.62 -6.42 -14.03
C GLU A 184 -5.70 -7.05 -13.15
N ASN A 185 -5.44 -8.19 -12.50
CA ASN A 185 -6.40 -8.82 -11.56
C ASN A 185 -6.43 -8.07 -10.21
N ALA A 186 -5.25 -7.78 -9.65
CA ALA A 186 -5.15 -7.21 -8.30
C ALA A 186 -5.83 -5.85 -8.27
N LYS A 187 -5.73 -5.06 -9.33
CA LYS A 187 -6.18 -3.64 -9.34
C LYS A 187 -7.71 -3.60 -9.27
N LYS A 188 -8.38 -4.72 -9.55
CA LYS A 188 -9.86 -4.77 -9.56
C LYS A 188 -10.43 -5.09 -8.19
N LEU A 189 -9.61 -5.53 -7.24
CA LEU A 189 -10.08 -5.95 -5.91
C LEU A 189 -10.63 -4.73 -5.17
N SER A 190 -11.71 -4.92 -4.46
CA SER A 190 -12.43 -3.77 -3.83
C SER A 190 -11.55 -3.03 -2.81
N MET A 191 -10.55 -3.66 -2.19
CA MET A 191 -9.68 -3.02 -1.18
C MET A 191 -8.29 -2.71 -1.76
N TYR A 192 -8.08 -2.88 -3.05
CA TYR A 192 -6.81 -2.45 -3.73
C TYR A 192 -6.45 -1.01 -3.40
N GLY A 193 -5.26 -0.89 -2.83
CA GLY A 193 -4.63 0.40 -2.48
C GLY A 193 -5.38 1.15 -1.40
N VAL A 194 -6.29 0.51 -0.67
CA VAL A 194 -7.09 1.28 0.34
C VAL A 194 -6.33 1.26 1.65
N ASP A 195 -5.96 2.43 2.18
CA ASP A 195 -5.35 2.58 3.53
C ASP A 195 -6.50 2.79 4.52
N LEU A 196 -6.72 1.83 5.45
CA LEU A 196 -7.89 1.81 6.37
C LEU A 196 -7.55 2.37 7.74
N HIS A 197 -8.44 3.19 8.28
CA HIS A 197 -8.28 3.90 9.56
C HIS A 197 -9.53 3.67 10.39
N HIS A 198 -9.40 3.12 11.60
CA HIS A 198 -10.49 3.04 12.60
C HIS A 198 -10.93 4.44 13.02
N ALA A 199 -12.23 4.66 13.13
CA ALA A 199 -12.85 5.95 13.51
C ALA A 199 -14.26 5.71 14.04
N LYS A 200 -14.86 6.74 14.63
CA LYS A 200 -16.30 6.78 14.99
C LYS A 200 -16.94 7.94 14.25
N ASP A 201 -18.21 7.82 13.85
CA ASP A 201 -18.93 8.95 13.21
C ASP A 201 -19.39 9.93 14.30
N SER A 202 -19.99 11.05 13.92
CA SER A 202 -20.46 12.13 14.83
C SER A 202 -21.51 11.60 15.82
N GLU A 203 -21.92 10.35 15.69
CA GLU A 203 -22.87 9.69 16.62
C GLU A 203 -22.17 8.66 17.51
N GLY A 204 -20.88 8.38 17.32
CA GLY A 204 -20.14 7.39 18.14
C GLY A 204 -20.19 5.98 17.58
N VAL A 205 -20.74 5.76 16.38
CA VAL A 205 -20.80 4.41 15.73
C VAL A 205 -19.42 4.12 15.09
N GLU A 206 -18.90 2.92 15.33
CA GLU A 206 -17.60 2.42 14.81
C GLU A 206 -17.69 2.30 13.29
N ILE A 207 -16.75 2.92 12.62
CA ILE A 207 -16.66 2.85 11.14
C ILE A 207 -15.21 2.67 10.79
N MET A 208 -14.94 2.48 9.49
CA MET A 208 -13.58 2.55 8.92
C MET A 208 -13.55 3.64 7.86
N LEU A 209 -12.46 4.40 7.81
CA LEU A 209 -12.23 5.39 6.73
C LEU A 209 -11.13 4.85 5.82
N GLY A 210 -11.40 4.76 4.54
CA GLY A 210 -10.44 4.17 3.59
C GLY A 210 -9.92 5.27 2.71
N VAL A 211 -8.61 5.34 2.52
CA VAL A 211 -8.00 6.41 1.73
C VAL A 211 -7.41 5.75 0.48
N CYS A 212 -7.74 6.28 -0.68
CA CYS A 212 -7.27 5.62 -1.94
C CYS A 212 -7.39 6.62 -3.09
N ALA A 213 -6.99 6.21 -4.27
CA ALA A 213 -6.97 7.07 -5.48
C ALA A 213 -8.36 7.69 -5.67
N SER A 214 -9.39 6.89 -5.47
CA SER A 214 -10.76 7.28 -5.90
C SER A 214 -11.43 8.14 -4.82
N GLY A 215 -10.80 8.32 -3.65
CA GLY A 215 -11.31 9.31 -2.70
C GLY A 215 -11.25 8.81 -1.27
N LEU A 216 -12.14 9.29 -0.43
CA LEU A 216 -12.30 8.82 0.96
C LEU A 216 -13.54 7.94 1.03
N LEU A 217 -13.38 6.73 1.56
CA LEU A 217 -14.49 5.75 1.64
C LEU A 217 -14.87 5.66 3.11
N ILE A 218 -16.17 5.59 3.40
CA ILE A 218 -16.66 5.35 4.77
C ILE A 218 -17.31 3.98 4.73
N TYR A 219 -16.80 3.07 5.56
CA TYR A 219 -17.34 1.71 5.75
C TYR A 219 -18.07 1.66 7.10
N ARG A 220 -19.40 1.72 7.07
CA ARG A 220 -20.27 1.61 8.27
C ARG A 220 -20.48 0.12 8.56
N ASP A 221 -20.59 -0.67 7.48
CA ASP A 221 -20.64 -2.15 7.49
C ASP A 221 -21.16 -2.61 6.11
N ARG A 222 -21.21 -3.92 5.89
CA ARG A 222 -21.50 -4.53 4.56
C ARG A 222 -22.70 -3.83 3.91
N LEU A 223 -23.55 -3.18 4.72
CA LEU A 223 -24.77 -2.46 4.25
C LEU A 223 -24.64 -0.97 4.57
N ARG A 224 -24.15 -0.19 3.61
CA ARG A 224 -24.03 1.30 3.67
C ARG A 224 -22.55 1.68 3.65
N ILE A 225 -22.02 1.95 2.45
CA ILE A 225 -20.64 2.43 2.20
C ILE A 225 -20.71 3.73 1.40
N ASN A 226 -20.28 4.84 2.02
CA ASN A 226 -20.26 6.20 1.41
C ASN A 226 -18.89 6.41 0.77
N ARG A 227 -18.81 7.24 -0.27
CA ARG A 227 -17.52 7.58 -0.93
C ARG A 227 -17.52 9.05 -1.34
N PHE A 228 -16.43 9.74 -1.05
CA PHE A 228 -16.22 11.16 -1.40
C PHE A 228 -15.02 11.17 -2.34
N ALA A 229 -15.29 11.35 -3.63
CA ALA A 229 -14.27 11.54 -4.67
C ALA A 229 -13.41 12.76 -4.29
N TRP A 230 -12.10 12.70 -4.51
CA TRP A 230 -11.17 13.74 -4.02
C TRP A 230 -11.57 15.12 -4.55
N PRO A 231 -11.99 15.26 -5.83
CA PRO A 231 -12.34 16.60 -6.35
C PRO A 231 -13.51 17.24 -5.58
N LYS A 232 -14.35 16.45 -4.93
CA LYS A 232 -15.50 16.98 -4.13
C LYS A 232 -15.02 17.51 -2.77
N VAL A 233 -13.74 17.29 -2.42
CA VAL A 233 -13.20 17.64 -1.09
C VAL A 233 -12.35 18.90 -1.22
N LEU A 234 -12.76 20.00 -0.57
CA LEU A 234 -12.07 21.31 -0.68
C LEU A 234 -11.05 21.51 0.44
N LYS A 235 -11.29 20.88 1.60
CA LYS A 235 -10.40 21.09 2.76
C LYS A 235 -10.47 19.88 3.69
N ILE A 236 -9.30 19.45 4.11
CA ILE A 236 -9.15 18.35 5.10
C ILE A 236 -8.51 19.01 6.32
N SER A 237 -9.04 18.76 7.51
CA SER A 237 -8.47 19.33 8.75
C SER A 237 -8.56 18.34 9.91
N TYR A 238 -7.86 18.67 10.99
CA TYR A 238 -7.98 17.91 12.25
C TYR A 238 -7.94 18.91 13.39
N LYS A 239 -8.50 18.51 14.51
CA LYS A 239 -8.47 19.33 15.75
C LYS A 239 -8.68 18.35 16.89
N ARG A 240 -7.73 18.30 17.84
CA ARG A 240 -7.66 17.30 18.94
C ARG A 240 -7.83 15.91 18.31
N ASN A 241 -8.85 15.14 18.70
CA ASN A 241 -9.00 13.74 18.21
C ASN A 241 -9.93 13.70 17.00
N ASN A 242 -10.29 14.85 16.46
CA ASN A 242 -11.35 14.92 15.42
C ASN A 242 -10.73 15.22 14.06
N PHE A 243 -11.35 14.62 13.04
CA PHE A 243 -10.97 14.78 11.63
C PHE A 243 -12.24 15.26 10.91
N TYR A 244 -12.06 16.28 10.08
CA TYR A 244 -13.14 16.94 9.31
C TYR A 244 -12.79 17.04 7.82
N ILE A 245 -13.80 16.80 6.97
CA ILE A 245 -13.64 17.08 5.51
C ILE A 245 -14.63 18.17 5.12
N LYS A 246 -14.19 19.17 4.36
CA LYS A 246 -15.12 20.20 3.82
C LYS A 246 -15.42 19.79 2.38
N ILE A 247 -16.70 19.48 2.14
CA ILE A 247 -17.29 19.06 0.84
C ILE A 247 -17.81 20.30 0.07
N ARG A 248 -17.50 20.37 -1.21
CA ARG A 248 -18.06 21.37 -2.15
C ARG A 248 -19.58 21.44 -2.00
N PRO A 249 -20.21 22.64 -2.08
CA PRO A 249 -21.66 22.70 -2.23
C PRO A 249 -22.12 21.89 -3.47
N GLY A 250 -23.19 21.09 -3.34
CA GLY A 250 -23.86 20.44 -4.47
C GLY A 250 -24.54 21.47 -5.39
N GLU A 251 -24.92 21.07 -6.60
CA GLU A 251 -25.54 22.03 -7.54
C GLU A 251 -26.74 22.69 -6.84
N PHE A 252 -26.85 24.01 -6.92
CA PHE A 252 -28.02 24.79 -6.39
C PHE A 252 -28.08 24.73 -4.86
N GLU A 253 -27.05 24.21 -4.17
CA GLU A 253 -27.04 24.23 -2.68
C GLU A 253 -26.33 25.51 -2.24
N GLN A 254 -26.78 26.16 -1.17
CA GLN A 254 -26.20 27.47 -0.81
C GLN A 254 -24.83 27.26 -0.12
N PHE A 255 -24.70 26.20 0.68
CA PHE A 255 -23.58 26.03 1.64
C PHE A 255 -22.76 24.79 1.36
N GLU A 256 -21.45 24.92 1.59
CA GLU A 256 -20.51 23.79 1.73
C GLU A 256 -21.03 22.92 2.87
N SER A 257 -20.53 21.70 2.97
CA SER A 257 -20.93 20.82 4.10
C SER A 257 -19.64 20.24 4.70
N THR A 258 -19.52 20.28 6.02
CA THR A 258 -18.32 19.83 6.77
C THR A 258 -18.70 18.53 7.46
N ILE A 259 -17.87 17.47 7.39
CA ILE A 259 -18.27 16.16 8.00
C ILE A 259 -17.16 15.74 8.97
N GLY A 260 -17.56 15.28 10.16
CA GLY A 260 -16.71 15.13 11.38
C GLY A 260 -16.60 13.69 11.82
N PHE A 261 -15.37 13.26 12.16
CA PHE A 261 -15.11 11.89 12.68
C PHE A 261 -14.21 11.96 13.91
N LYS A 262 -14.39 10.98 14.79
CA LYS A 262 -13.60 10.79 16.03
C LYS A 262 -12.50 9.76 15.77
N LEU A 263 -11.26 10.12 16.01
CA LEU A 263 -10.14 9.15 15.82
C LEU A 263 -9.67 8.68 17.18
N PRO A 264 -8.93 7.55 17.23
CA PRO A 264 -8.42 6.98 18.48
C PRO A 264 -7.70 7.97 19.40
N ASN A 265 -6.96 8.93 18.83
CA ASN A 265 -6.20 9.96 19.58
C ASN A 265 -5.80 11.03 18.58
N HIS A 266 -5.06 12.02 19.02
CA HIS A 266 -4.69 13.19 18.20
C HIS A 266 -3.71 12.77 17.10
N ARG A 267 -2.77 11.89 17.43
CA ARG A 267 -1.73 11.45 16.46
C ARG A 267 -2.43 10.73 15.32
N ALA A 268 -3.44 9.92 15.61
CA ALA A 268 -4.17 9.15 14.58
C ALA A 268 -4.99 10.13 13.74
N ALA A 269 -5.54 11.20 14.29
CA ALA A 269 -6.26 12.21 13.46
C ALA A 269 -5.24 12.88 12.55
N LYS A 270 -4.05 13.21 13.06
CA LYS A 270 -3.06 13.95 12.26
C LYS A 270 -2.58 13.05 11.12
N ARG A 271 -2.37 11.77 11.41
CA ARG A 271 -1.89 10.74 10.44
C ARG A 271 -2.91 10.64 9.31
N LEU A 272 -4.19 10.57 9.66
CA LEU A 272 -5.24 10.42 8.63
C LEU A 272 -5.29 11.70 7.78
N TRP A 273 -5.26 12.88 8.42
CA TRP A 273 -5.25 14.18 7.72
C TRP A 273 -4.10 14.18 6.68
N LYS A 274 -2.89 13.80 7.10
CA LYS A 274 -1.67 13.89 6.24
C LYS A 274 -1.82 12.94 5.04
N VAL A 275 -2.30 11.72 5.26
CA VAL A 275 -2.39 10.77 4.12
C VAL A 275 -3.51 11.21 3.15
N CYS A 276 -4.58 11.83 3.63
CA CYS A 276 -5.68 12.27 2.75
C CYS A 276 -5.17 13.42 1.88
N VAL A 277 -4.52 14.40 2.53
CA VAL A 277 -3.93 15.55 1.80
C VAL A 277 -2.98 15.03 0.73
N GLU A 278 -2.11 14.09 1.09
CA GLU A 278 -1.10 13.60 0.12
C GLU A 278 -1.78 12.88 -1.05
N HIS A 279 -2.78 12.04 -0.77
CA HIS A 279 -3.56 11.33 -1.80
C HIS A 279 -4.28 12.35 -2.68
N HIS A 280 -4.92 13.35 -2.08
CA HIS A 280 -5.66 14.40 -2.82
C HIS A 280 -4.71 15.05 -3.83
N THR A 281 -3.54 15.44 -3.36
CA THR A 281 -2.56 16.12 -4.24
C THR A 281 -2.05 15.15 -5.31
N PHE A 282 -1.71 13.93 -4.91
CA PHE A 282 -1.06 13.00 -5.85
C PHE A 282 -2.00 12.69 -7.00
N PHE A 283 -3.23 12.35 -6.67
CA PHE A 283 -4.17 11.82 -7.69
C PHE A 283 -4.81 12.99 -8.44
N ARG A 284 -4.84 14.21 -7.87
CA ARG A 284 -5.14 15.46 -8.67
C ARG A 284 -4.14 15.59 -9.85
N LEU A 285 -2.86 15.27 -9.64
CA LEU A 285 -1.78 15.58 -10.63
C LEU A 285 -1.43 14.39 -11.52
N LEU A 286 -1.75 13.17 -11.11
CA LEU A 286 -1.12 11.97 -11.69
C LEU A 286 -1.47 11.89 -13.19
N1 WHD B . 14.86 -14.45 15.45
C4 WHD B . 17.80 -7.09 11.15
C5 WHD B . 17.92 -9.43 11.89
C6 WHD B . 17.25 -10.54 12.69
C7 WHD B . 18.05 -11.45 13.39
C8 WHD B . 17.48 -12.49 14.15
C10 WHD B . 15.46 -13.66 14.89
C13 WHD B . 16.67 -5.41 9.67
N WHD B . 17.04 -8.20 11.79
C WHD B . 15.46 -3.54 10.57
C1 WHD B . 15.76 -3.93 11.89
C11 WHD B . 15.29 -11.71 13.47
C12 WHD B . 15.86 -10.67 12.72
C14 WHD B . 15.91 -4.24 9.48
C2 WHD B . 16.53 -5.08 12.08
C3 WHD B . 16.98 -5.83 10.98
C9 WHD B . 16.11 -12.62 14.17
F WHD B . 14.65 -2.50 10.35
S DMS C . 8.41 -7.48 4.00
O DMS C . 7.59 -6.88 2.88
C1 DMS C . 7.28 -7.64 5.37
C2 DMS C . 8.55 -9.21 3.60
S DMS D . -11.30 1.16 -4.98
O DMS D . -12.00 0.06 -5.72
C1 DMS D . -9.85 0.40 -4.31
C2 DMS D . -12.21 1.39 -3.47
C1 EDO E . 10.82 -0.93 -19.89
O1 EDO E . 10.77 -1.41 -18.57
C2 EDO E . 9.92 -1.68 -20.75
O2 EDO E . 8.53 -1.45 -20.49
C1 EDO F . 1.73 -1.77 4.85
O1 EDO F . 2.91 -2.53 5.04
C2 EDO F . 1.89 -0.81 3.76
O2 EDO F . 2.57 0.38 4.13
C1 EDO G . -5.21 -2.71 6.47
O1 EDO G . -5.75 -2.14 7.64
C2 EDO G . -5.39 -1.88 5.25
O2 EDO G . -5.17 -0.50 5.48
C1 EDO H . 6.86 -15.36 -0.16
O1 EDO H . 7.30 -16.69 -0.22
C2 EDO H . 6.03 -15.02 -1.31
O2 EDO H . 4.99 -14.06 -1.05
C1 EDO I . 2.03 10.42 24.20
O1 EDO I . 3.11 9.95 25.00
C2 EDO I . 2.22 10.23 22.71
O2 EDO I . 2.08 11.41 21.92
C1 EDO J . -2.94 -1.68 1.74
O1 EDO J . -1.90 -1.97 2.64
C2 EDO J . -3.00 -0.26 1.34
O2 EDO J . -2.64 0.59 2.43
#